data_3NKS
#
_entry.id   3NKS
#
_cell.length_a   136.702
_cell.length_b   136.702
_cell.length_c   158.877
_cell.angle_alpha   90.00
_cell.angle_beta   90.00
_cell.angle_gamma   120.00
#
_symmetry.space_group_name_H-M   'H 3 2'
#
loop_
_entity.id
_entity.type
_entity.pdbx_description
1 polymer 'Protoporphyrinogen oxidase'
2 non-polymer '5-[2-CHLORO-4-(TRIFLUOROMETHYL)PHENOXY]-2-NITROBENZOIC ACID'
3 non-polymer 'FLAVIN-ADENINE DINUCLEOTIDE'
4 non-polymer GLYCEROL
5 water water
#
_entity_poly.entity_id   1
_entity_poly.type   'polypeptide(L)'
_entity_poly.pdbx_seq_one_letter_code
;MGRTVVVLGGGISGLAASYHLSRAPCPPKVVLVESSERLGGWIRSVRGPNGAIFELGPRGIRPAGALGARTLLLVSELGL
DSEVLPVRGDHPAAQNRFLYVGGALHALPTGLRGLLRPSPPFSKPLFWAGLRELTKPRGKEPDETVHSFAQRRLGPEVAS
LAMDSLCRGVFAGNSRELSIRSCFPSLFQAEQTHRSILLGLLLGAGRTPQPDSALIRQALAERWSQWSLRGGLEMLPQAL
ETHLTSRGVSVLRGQPVCGLSLQAEGRWKVSLRDSSLEADHVISAIPASVLSELLPAEAAPLARALSAITAVSVAVVNLQ
YQGAHLPVQGFGHLVPSSEDPGVLGIVYDSVAFPEQDGSPPGLRVTVMLGGSWLQTLEASGCVLSQELFQQRAQEAAATQ
LGLKEMPSHCLVHLHKNCIPQYTLGHWQKLESARQFLTAHRLPLTLAGASYEGVAVNDCIESGRQAAVSVLGTEPNS
;
_entity_poly.pdbx_strand_id   A
#
loop_
_chem_comp.id
_chem_comp.type
_chem_comp.name
_chem_comp.formula
ACJ non-polymer '5-[2-CHLORO-4-(TRIFLUOROMETHYL)PHENOXY]-2-NITROBENZOIC ACID' 'C14 H7 Cl F3 N O5'
FAD non-polymer 'FLAVIN-ADENINE DINUCLEOTIDE' 'C27 H33 N9 O15 P2'
GOL non-polymer GLYCEROL 'C3 H8 O3'
#
# COMPACT_ATOMS: atom_id res chain seq x y z
N GLY A 2 -15.70 -25.65 21.43
CA GLY A 2 -16.04 -24.90 20.18
C GLY A 2 -15.78 -23.41 20.36
N ARG A 3 -15.32 -22.77 19.28
CA ARG A 3 -15.03 -21.34 19.29
C ARG A 3 -14.95 -20.83 17.84
N THR A 4 -15.71 -19.78 17.54
CA THR A 4 -15.74 -19.22 16.20
C THR A 4 -15.16 -17.80 16.09
N VAL A 5 -14.33 -17.61 15.08
CA VAL A 5 -13.71 -16.31 14.82
C VAL A 5 -14.06 -15.90 13.39
N VAL A 6 -14.73 -14.77 13.25
CA VAL A 6 -15.12 -14.27 11.94
C VAL A 6 -14.19 -13.12 11.51
N VAL A 7 -13.67 -13.21 10.30
CA VAL A 7 -12.78 -12.19 9.75
C VAL A 7 -13.54 -11.43 8.67
N LEU A 8 -13.69 -10.12 8.85
CA LEU A 8 -14.40 -9.29 7.88
C LEU A 8 -13.41 -8.78 6.84
N GLY A 9 -13.68 -9.07 5.57
CA GLY A 9 -12.80 -8.58 4.51
C GLY A 9 -11.79 -9.60 4.00
N GLY A 10 -11.90 -9.92 2.71
CA GLY A 10 -11.02 -10.89 2.10
C GLY A 10 -9.84 -10.30 1.33
N GLY A 11 -9.33 -9.16 1.80
CA GLY A 11 -8.18 -8.54 1.18
C GLY A 11 -6.95 -9.25 1.72
N ILE A 12 -5.75 -8.79 1.36
CA ILE A 12 -4.54 -9.45 1.82
C ILE A 12 -4.44 -9.49 3.35
N SER A 13 -4.98 -8.48 4.03
CA SER A 13 -4.95 -8.45 5.50
C SER A 13 -5.88 -9.51 6.07
N GLY A 14 -7.08 -9.62 5.51
CA GLY A 14 -8.04 -10.59 5.97
C GLY A 14 -7.56 -12.01 5.69
N LEU A 15 -6.97 -12.20 4.51
CA LEU A 15 -6.44 -13.51 4.13
C LEU A 15 -5.30 -13.92 5.05
N ALA A 16 -4.40 -12.99 5.34
CA ALA A 16 -3.27 -13.27 6.21
C ALA A 16 -3.76 -13.67 7.62
N ALA A 17 -4.74 -12.93 8.15
CA ALA A 17 -5.31 -13.23 9.47
C ALA A 17 -5.93 -14.63 9.48
N SER A 18 -6.77 -14.90 8.48
CA SER A 18 -7.42 -16.21 8.39
C SER A 18 -6.39 -17.33 8.28
N TYR A 19 -5.32 -17.06 7.53
CA TYR A 19 -4.25 -18.03 7.33
C TYR A 19 -3.55 -18.40 8.64
N HIS A 20 -3.10 -17.40 9.38
CA HIS A 20 -2.41 -17.64 10.64
C HIS A 20 -3.32 -18.28 11.71
N LEU A 21 -4.62 -17.94 11.70
CA LEU A 21 -5.53 -18.53 12.67
C LEU A 21 -5.63 -20.03 12.42
N SER A 22 -5.82 -20.40 11.15
CA SER A 22 -5.96 -21.80 10.74
C SER A 22 -4.70 -22.64 10.91
N ARG A 23 -3.55 -21.98 11.04
CA ARG A 23 -2.29 -22.71 11.20
C ARG A 23 -1.93 -23.00 12.65
N ALA A 24 -2.70 -22.42 13.58
CA ALA A 24 -2.45 -22.62 15.01
C ALA A 24 -2.59 -24.09 15.40
N PRO A 25 -1.91 -24.52 16.48
CA PRO A 25 -1.98 -25.90 16.96
C PRO A 25 -3.40 -26.40 17.20
N CYS A 26 -4.21 -25.58 17.86
CA CYS A 26 -5.60 -25.91 18.13
C CYS A 26 -6.43 -24.74 17.60
N PRO A 27 -6.61 -24.66 16.27
CA PRO A 27 -7.36 -23.62 15.56
C PRO A 27 -8.84 -23.53 15.89
N PRO A 28 -9.38 -22.30 15.93
CA PRO A 28 -10.80 -22.10 16.21
C PRO A 28 -11.51 -22.27 14.87
N LYS A 29 -12.82 -22.19 14.86
CA LYS A 29 -13.54 -22.28 13.61
C LYS A 29 -13.31 -20.90 12.99
N VAL A 30 -12.97 -20.85 11.71
CA VAL A 30 -12.73 -19.58 11.05
C VAL A 30 -13.65 -19.37 9.86
N VAL A 31 -14.23 -18.18 9.78
CA VAL A 31 -15.12 -17.84 8.69
C VAL A 31 -14.66 -16.49 8.11
N LEU A 32 -14.30 -16.48 6.83
CA LEU A 32 -13.85 -15.25 6.17
C LEU A 32 -15.00 -14.75 5.31
N VAL A 33 -15.46 -13.54 5.61
CA VAL A 33 -16.57 -12.94 4.87
C VAL A 33 -16.09 -11.82 3.96
N GLU A 34 -16.28 -12.01 2.65
CA GLU A 34 -15.90 -11.03 1.65
C GLU A 34 -17.15 -10.49 0.95
N SER A 35 -17.21 -9.17 0.77
CA SER A 35 -18.36 -8.53 0.15
C SER A 35 -18.42 -8.69 -1.37
N SER A 36 -17.27 -8.63 -2.02
CA SER A 36 -17.26 -8.76 -3.48
C SER A 36 -17.19 -10.23 -3.90
N GLU A 37 -17.17 -10.47 -5.20
CA GLU A 37 -17.13 -11.83 -5.71
C GLU A 37 -15.73 -12.44 -5.71
N ARG A 38 -14.72 -11.64 -5.35
CA ARG A 38 -13.35 -12.13 -5.34
C ARG A 38 -12.57 -11.75 -4.07
N LEU A 39 -11.51 -12.50 -3.80
CA LEU A 39 -10.65 -12.23 -2.66
C LEU A 39 -9.39 -11.57 -3.19
N GLY A 40 -8.69 -10.82 -2.34
CA GLY A 40 -7.46 -10.18 -2.78
C GLY A 40 -7.45 -8.66 -2.63
N GLY A 41 -8.64 -8.07 -2.56
CA GLY A 41 -8.73 -6.63 -2.41
C GLY A 41 -7.99 -5.93 -3.54
N TRP A 42 -7.21 -4.90 -3.20
CA TRP A 42 -6.47 -4.14 -4.21
C TRP A 42 -5.39 -4.91 -4.98
N ILE A 43 -5.04 -6.11 -4.52
CA ILE A 43 -4.06 -6.91 -5.25
C ILE A 43 -4.85 -7.63 -6.35
N ARG A 44 -4.63 -7.23 -7.59
CA ARG A 44 -5.37 -7.81 -8.70
C ARG A 44 -4.55 -7.75 -9.99
N SER A 45 -4.50 -8.88 -10.68
CA SER A 45 -3.72 -8.98 -11.91
C SER A 45 -4.60 -9.39 -13.08
N VAL A 46 -4.40 -8.74 -14.22
CA VAL A 46 -5.18 -9.06 -15.40
C VAL A 46 -4.23 -9.69 -16.42
N ARG A 47 -4.68 -10.79 -17.02
CA ARG A 47 -3.88 -11.47 -18.03
C ARG A 47 -4.40 -11.01 -19.38
N GLY A 48 -3.63 -10.16 -20.04
CA GLY A 48 -4.02 -9.61 -21.34
C GLY A 48 -4.10 -10.61 -22.49
N PRO A 49 -4.75 -10.20 -23.60
CA PRO A 49 -4.92 -11.03 -24.80
C PRO A 49 -3.62 -11.55 -25.37
N ASN A 50 -2.57 -10.73 -25.28
CA ASN A 50 -1.30 -11.17 -25.82
C ASN A 50 -0.46 -11.93 -24.80
N GLY A 51 -1.05 -12.21 -23.65
CA GLY A 51 -0.34 -12.95 -22.61
C GLY A 51 0.41 -12.14 -21.58
N ALA A 52 0.40 -10.82 -21.73
CA ALA A 52 1.09 -9.94 -20.80
C ALA A 52 0.30 -9.80 -19.50
N ILE A 53 1.01 -9.48 -18.43
CA ILE A 53 0.38 -9.28 -17.14
C ILE A 53 0.24 -7.78 -16.87
N PHE A 54 -0.96 -7.35 -16.50
CA PHE A 54 -1.20 -5.95 -16.18
C PHE A 54 -1.66 -5.89 -14.73
N GLU A 55 -0.85 -5.29 -13.87
CA GLU A 55 -1.20 -5.19 -12.44
C GLU A 55 -2.10 -3.98 -12.22
N LEU A 56 -3.16 -4.15 -11.44
CA LEU A 56 -4.09 -3.04 -11.18
C LEU A 56 -3.85 -2.37 -9.84
N GLY A 57 -2.98 -2.95 -9.01
CA GLY A 57 -2.69 -2.37 -7.71
C GLY A 57 -1.19 -2.51 -7.50
N PRO A 58 -0.75 -3.14 -6.40
CA PRO A 58 0.68 -3.30 -6.17
C PRO A 58 1.24 -4.15 -7.31
N ARG A 59 2.51 -3.95 -7.63
CA ARG A 59 3.12 -4.71 -8.73
C ARG A 59 4.49 -5.24 -8.32
N GLY A 60 4.79 -5.15 -7.03
CA GLY A 60 6.06 -5.62 -6.54
C GLY A 60 6.17 -5.39 -5.05
N ILE A 61 6.92 -6.25 -4.38
CA ILE A 61 7.09 -6.14 -2.93
C ILE A 61 8.57 -6.07 -2.60
N ARG A 62 8.94 -5.16 -1.70
CA ARG A 62 10.33 -5.01 -1.29
C ARG A 62 10.65 -6.00 -0.18
N PRO A 63 11.78 -6.72 -0.30
CA PRO A 63 12.18 -7.71 0.70
C PRO A 63 12.94 -7.15 1.91
N ALA A 64 13.31 -5.88 1.86
CA ALA A 64 14.07 -5.25 2.94
C ALA A 64 13.32 -5.18 4.28
N GLY A 65 14.09 -5.23 5.37
CA GLY A 65 13.50 -5.15 6.69
C GLY A 65 12.89 -6.45 7.21
N ALA A 66 12.49 -6.43 8.47
CA ALA A 66 11.89 -7.60 9.09
C ALA A 66 10.56 -8.01 8.44
N LEU A 67 9.76 -7.03 8.04
CA LEU A 67 8.48 -7.34 7.42
C LEU A 67 8.63 -7.96 6.03
N GLY A 68 9.60 -7.46 5.27
CA GLY A 68 9.83 -8.01 3.95
C GLY A 68 10.28 -9.45 4.08
N ALA A 69 11.02 -9.74 5.16
CA ALA A 69 11.50 -11.08 5.43
C ALA A 69 10.32 -11.97 5.80
N ARG A 70 9.41 -11.46 6.62
CA ARG A 70 8.24 -12.25 7.01
C ARG A 70 7.40 -12.58 5.79
N THR A 71 7.26 -11.62 4.88
CA THR A 71 6.47 -11.86 3.68
C THR A 71 7.09 -12.96 2.82
N LEU A 72 8.41 -12.95 2.68
CA LEU A 72 9.09 -13.97 1.90
C LEU A 72 8.96 -15.33 2.59
N LEU A 73 8.89 -15.34 3.91
CA LEU A 73 8.73 -16.59 4.64
C LEU A 73 7.35 -17.16 4.27
N LEU A 74 6.36 -16.29 4.20
CA LEU A 74 5.00 -16.71 3.84
C LEU A 74 4.99 -17.30 2.44
N VAL A 75 5.70 -16.66 1.53
CA VAL A 75 5.79 -17.13 0.14
C VAL A 75 6.33 -18.57 0.12
N SER A 76 7.38 -18.83 0.90
CA SER A 76 7.96 -20.16 0.97
C SER A 76 6.94 -21.16 1.53
N GLU A 77 6.26 -20.78 2.61
CA GLU A 77 5.28 -21.67 3.23
C GLU A 77 4.16 -22.01 2.25
N LEU A 78 3.82 -21.06 1.39
CA LEU A 78 2.77 -21.26 0.40
C LEU A 78 3.27 -22.04 -0.81
N GLY A 79 4.56 -22.35 -0.83
CA GLY A 79 5.15 -23.10 -1.94
C GLY A 79 5.19 -22.34 -3.25
N LEU A 80 5.36 -21.03 -3.17
CA LEU A 80 5.40 -20.16 -4.35
C LEU A 80 6.79 -19.88 -4.90
N ASP A 81 7.81 -20.51 -4.32
CA ASP A 81 9.20 -20.32 -4.74
C ASP A 81 9.46 -20.29 -6.24
N SER A 82 9.00 -21.30 -6.96
CA SER A 82 9.26 -21.35 -8.40
C SER A 82 8.59 -20.24 -9.19
N GLU A 83 7.66 -19.52 -8.57
CA GLU A 83 6.96 -18.43 -9.26
C GLU A 83 7.53 -17.04 -9.00
N VAL A 84 8.48 -16.95 -8.07
CA VAL A 84 9.07 -15.66 -7.72
C VAL A 84 9.90 -15.05 -8.84
N LEU A 85 9.63 -13.78 -9.13
CA LEU A 85 10.37 -13.03 -10.15
C LEU A 85 11.04 -11.88 -9.42
N PRO A 86 12.36 -11.96 -9.23
CA PRO A 86 13.03 -10.88 -8.53
C PRO A 86 13.67 -9.83 -9.43
N VAL A 87 13.89 -8.64 -8.89
CA VAL A 87 14.57 -7.57 -9.60
C VAL A 87 15.89 -7.49 -8.83
N ARG A 88 16.92 -8.11 -9.39
CA ARG A 88 18.23 -8.16 -8.76
C ARG A 88 19.02 -6.86 -8.76
N GLY A 89 19.82 -6.68 -7.72
CA GLY A 89 20.63 -5.48 -7.57
C GLY A 89 21.49 -5.05 -8.75
N ASP A 90 21.68 -5.92 -9.72
CA ASP A 90 22.49 -5.59 -10.89
C ASP A 90 21.64 -5.13 -12.07
N HIS A 91 20.60 -4.35 -11.79
CA HIS A 91 19.71 -3.85 -12.83
C HIS A 91 19.32 -2.39 -12.56
N PRO A 92 18.95 -1.66 -13.64
CA PRO A 92 18.56 -0.25 -13.56
C PRO A 92 17.18 0.00 -12.96
N ALA A 93 16.37 -1.05 -12.83
CA ALA A 93 15.04 -0.93 -12.26
C ALA A 93 15.14 -0.92 -10.75
N ALA A 94 16.31 -1.32 -10.24
CA ALA A 94 16.57 -1.37 -8.82
C ALA A 94 17.50 -0.26 -8.37
N GLN A 95 18.14 0.40 -9.32
CA GLN A 95 19.06 1.47 -9.00
C GLN A 95 18.72 2.83 -9.62
N ASN A 96 17.52 2.97 -10.18
CA ASN A 96 17.17 4.24 -10.81
C ASN A 96 15.72 4.72 -10.66
N ARG A 97 15.52 5.75 -9.84
CA ARG A 97 14.20 6.36 -9.67
C ARG A 97 14.32 7.77 -10.24
N PHE A 98 13.27 8.25 -10.89
CA PHE A 98 13.31 9.58 -11.51
C PHE A 98 12.23 10.54 -11.03
N LEU A 99 12.46 11.82 -11.29
CA LEU A 99 11.50 12.87 -10.98
C LEU A 99 11.30 13.67 -12.27
N TYR A 100 10.05 13.91 -12.63
CA TYR A 100 9.78 14.69 -13.82
C TYR A 100 9.55 16.12 -13.33
N VAL A 101 10.48 17.01 -13.68
CA VAL A 101 10.40 18.41 -13.26
C VAL A 101 10.99 19.31 -14.34
N GLY A 102 10.30 20.41 -14.63
CA GLY A 102 10.80 21.34 -15.63
C GLY A 102 11.05 20.75 -17.00
N GLY A 103 10.06 20.03 -17.54
CA GLY A 103 10.17 19.43 -18.85
C GLY A 103 11.17 18.30 -19.04
N ALA A 104 11.70 17.75 -17.95
CA ALA A 104 12.66 16.67 -18.08
C ALA A 104 12.69 15.69 -16.92
N LEU A 105 13.23 14.50 -17.19
CA LEU A 105 13.36 13.47 -16.16
C LEU A 105 14.71 13.65 -15.49
N HIS A 106 14.72 13.65 -14.17
CA HIS A 106 15.95 13.83 -13.41
C HIS A 106 16.18 12.67 -12.44
N ALA A 107 17.34 12.03 -12.57
CA ALA A 107 17.67 10.91 -11.69
C ALA A 107 17.85 11.42 -10.26
N LEU A 108 17.30 10.69 -9.31
CA LEU A 108 17.45 11.08 -7.90
C LEU A 108 18.77 10.50 -7.41
N PRO A 109 19.47 11.25 -6.54
CA PRO A 109 20.77 10.79 -6.00
C PRO A 109 20.65 9.40 -5.38
N THR A 110 21.56 8.50 -5.75
CA THR A 110 21.56 7.14 -5.24
C THR A 110 22.52 6.97 -4.06
N GLY A 111 23.81 6.82 -4.38
CA GLY A 111 24.81 6.65 -3.35
C GLY A 111 25.08 7.92 -2.56
N LEU A 112 26.35 8.17 -2.29
CA LEU A 112 26.75 9.37 -1.54
C LEU A 112 27.23 10.47 -2.47
N ARG A 113 26.82 10.38 -3.74
CA ARG A 113 27.20 11.37 -4.74
C ARG A 113 26.44 12.67 -4.51
N GLY A 114 27.06 13.60 -3.80
CA GLY A 114 26.45 14.89 -3.51
C GLY A 114 27.51 15.90 -3.06
N PRO A 118 25.16 19.67 -6.88
CA PRO A 118 25.52 19.01 -8.14
C PRO A 118 24.47 17.98 -8.54
N SER A 119 23.20 18.35 -8.48
CA SER A 119 22.12 17.43 -8.83
C SER A 119 20.77 18.10 -9.10
N PRO A 120 20.45 18.34 -10.39
CA PRO A 120 19.18 18.96 -10.76
C PRO A 120 18.01 18.05 -10.42
N PRO A 121 16.82 18.62 -10.17
CA PRO A 121 16.46 20.04 -10.22
C PRO A 121 16.87 20.83 -8.97
N PHE A 122 17.55 20.18 -8.05
CA PHE A 122 18.00 20.83 -6.82
C PHE A 122 19.05 21.89 -7.14
N SER A 123 18.99 23.00 -6.41
CA SER A 123 19.92 24.10 -6.61
C SER A 123 21.38 23.81 -6.33
N LYS A 124 21.69 23.43 -5.10
CA LYS A 124 23.06 23.23 -4.76
C LYS A 124 23.54 22.09 -3.88
N PRO A 125 22.87 21.88 -2.74
CA PRO A 125 23.56 20.80 -2.05
C PRO A 125 23.27 19.32 -2.04
N LEU A 126 22.48 19.02 -1.02
CA LEU A 126 22.06 17.71 -0.64
C LEU A 126 23.26 17.26 0.17
N PHE A 127 24.31 18.08 0.20
CA PHE A 127 25.39 17.75 1.09
C PHE A 127 25.00 18.69 2.19
N TRP A 128 25.00 19.94 1.76
CA TRP A 128 24.67 21.09 2.59
C TRP A 128 23.29 21.05 3.24
N ALA A 129 22.28 20.56 2.53
CA ALA A 129 20.94 20.48 3.09
C ALA A 129 20.97 19.56 4.29
N GLY A 130 21.62 18.41 4.12
CA GLY A 130 21.72 17.44 5.20
C GLY A 130 22.64 17.91 6.30
N LEU A 131 23.50 18.89 6.00
CA LEU A 131 24.44 19.41 6.98
C LEU A 131 23.69 20.18 8.07
N ARG A 132 22.94 21.19 7.67
CA ARG A 132 22.20 22.00 8.63
C ARG A 132 21.04 21.23 9.24
N GLU A 133 20.81 20.01 8.73
CA GLU A 133 19.74 19.17 9.24
C GLU A 133 20.17 18.59 10.58
N LEU A 134 21.46 18.28 10.69
CA LEU A 134 22.02 17.70 11.91
C LEU A 134 22.01 18.69 13.06
N THR A 135 21.75 19.96 12.75
CA THR A 135 21.72 21.01 13.76
C THR A 135 20.35 21.67 13.89
N LYS A 136 19.38 21.12 13.18
CA LYS A 136 18.03 21.68 13.20
C LYS A 136 17.26 21.29 14.46
N PRO A 137 16.53 22.24 15.06
CA PRO A 137 15.75 22.00 16.28
C PRO A 137 14.82 20.80 16.13
N ARG A 138 14.41 20.25 17.27
CA ARG A 138 13.52 19.11 17.30
C ARG A 138 12.08 19.56 17.51
N GLY A 139 11.18 19.08 16.65
CA GLY A 139 9.78 19.45 16.78
C GLY A 139 9.26 19.07 18.15
N LYS A 140 8.43 19.92 18.74
CA LYS A 140 7.90 19.65 20.08
C LYS A 140 6.42 19.28 20.08
N GLU A 141 5.80 19.24 18.91
CA GLU A 141 4.39 18.87 18.84
C GLU A 141 4.27 17.34 18.74
N PRO A 142 3.12 16.79 19.13
CA PRO A 142 2.90 15.34 19.09
C PRO A 142 2.87 14.81 17.65
N ASP A 143 2.63 15.71 16.70
CA ASP A 143 2.55 15.31 15.29
C ASP A 143 2.81 16.54 14.44
N GLU A 144 3.15 16.31 13.17
CA GLU A 144 3.44 17.39 12.23
C GLU A 144 3.17 16.86 10.83
N THR A 145 2.83 17.74 9.89
CA THR A 145 2.58 17.29 8.52
C THR A 145 3.92 16.98 7.90
N VAL A 146 3.91 16.13 6.87
CA VAL A 146 5.14 15.77 6.19
C VAL A 146 5.79 17.01 5.58
N HIS A 147 4.97 17.87 4.96
CA HIS A 147 5.47 19.08 4.34
C HIS A 147 6.17 19.97 5.37
N SER A 148 5.48 20.28 6.46
CA SER A 148 6.03 21.14 7.51
C SER A 148 7.35 20.56 8.04
N PHE A 149 7.32 19.27 8.36
CA PHE A 149 8.48 18.54 8.85
C PHE A 149 9.63 18.67 7.84
N ALA A 150 9.31 18.36 6.58
CA ALA A 150 10.30 18.41 5.51
C ALA A 150 10.92 19.78 5.27
N GLN A 151 10.08 20.80 5.15
CA GLN A 151 10.59 22.14 4.90
C GLN A 151 11.38 22.70 6.08
N ARG A 152 10.93 22.36 7.29
CA ARG A 152 11.59 22.83 8.50
C ARG A 152 12.99 22.26 8.70
N ARG A 153 13.17 20.98 8.38
CA ARG A 153 14.47 20.35 8.59
C ARG A 153 15.29 20.09 7.33
N LEU A 154 14.65 20.09 6.16
CA LEU A 154 15.36 19.82 4.92
C LEU A 154 15.39 20.99 3.95
N GLY A 155 14.47 21.94 4.10
CA GLY A 155 14.44 23.08 3.21
C GLY A 155 13.27 23.03 2.23
N PRO A 156 12.92 24.16 1.61
CA PRO A 156 11.81 24.26 0.66
C PRO A 156 11.94 23.37 -0.58
N GLU A 157 13.13 23.28 -1.16
CA GLU A 157 13.33 22.47 -2.36
C GLU A 157 13.12 20.97 -2.12
N VAL A 158 13.67 20.48 -1.01
CA VAL A 158 13.52 19.06 -0.68
C VAL A 158 12.06 18.78 -0.36
N ALA A 159 11.41 19.71 0.33
CA ALA A 159 10.01 19.56 0.69
C ALA A 159 9.10 19.54 -0.54
N SER A 160 9.27 20.54 -1.41
CA SER A 160 8.43 20.64 -2.61
C SER A 160 8.74 19.66 -3.73
N LEU A 161 10.00 19.27 -3.88
CA LEU A 161 10.36 18.36 -4.95
C LEU A 161 10.52 16.90 -4.55
N ALA A 162 11.09 16.66 -3.37
CA ALA A 162 11.31 15.30 -2.91
C ALA A 162 10.18 14.70 -2.07
N MET A 163 9.91 15.30 -0.91
CA MET A 163 8.87 14.77 -0.02
C MET A 163 7.47 14.85 -0.63
N ASP A 164 7.20 15.92 -1.37
CA ASP A 164 5.88 16.06 -2.00
C ASP A 164 5.67 14.88 -2.95
N SER A 165 6.69 14.59 -3.75
CA SER A 165 6.63 13.50 -4.72
C SER A 165 6.56 12.13 -4.05
N LEU A 166 7.32 11.95 -2.98
CA LEU A 166 7.33 10.66 -2.27
C LEU A 166 5.97 10.32 -1.65
N CYS A 167 5.28 11.33 -1.12
CA CYS A 167 3.97 11.10 -0.51
C CYS A 167 2.96 10.65 -1.56
N ARG A 168 3.13 11.15 -2.78
CA ARG A 168 2.26 10.78 -3.88
C ARG A 168 2.58 9.36 -4.38
N GLY A 169 3.87 9.02 -4.40
CA GLY A 169 4.26 7.71 -4.86
C GLY A 169 3.91 6.57 -3.91
N VAL A 170 3.86 6.87 -2.62
CA VAL A 170 3.55 5.87 -1.59
C VAL A 170 2.10 5.88 -1.13
N PHE A 171 1.56 7.07 -0.90
CA PHE A 171 0.19 7.23 -0.42
C PHE A 171 -0.78 7.89 -1.39
N ALA A 172 -0.30 8.28 -2.57
CA ALA A 172 -1.13 8.96 -3.56
C ALA A 172 -1.78 10.15 -2.85
N GLY A 173 -1.08 10.68 -1.87
CA GLY A 173 -1.61 11.78 -1.08
C GLY A 173 -0.82 13.08 -1.02
N ASN A 174 -1.39 14.04 -0.31
CA ASN A 174 -0.84 15.39 -0.15
C ASN A 174 0.01 15.55 1.11
N SER A 175 1.30 15.85 0.92
CA SER A 175 2.22 16.01 2.05
C SER A 175 1.82 17.11 3.03
N ARG A 176 0.99 18.06 2.61
CA ARG A 176 0.55 19.13 3.49
C ARG A 176 -0.57 18.66 4.41
N GLU A 177 -1.07 17.44 4.18
CA GLU A 177 -2.14 16.90 5.00
C GLU A 177 -1.76 15.59 5.70
N LEU A 178 -0.69 14.96 5.24
CA LEU A 178 -0.25 13.69 5.80
C LEU A 178 0.66 13.86 7.02
N SER A 179 0.53 12.93 7.97
CA SER A 179 1.33 12.96 9.19
C SER A 179 2.70 12.32 9.00
N ILE A 180 3.74 12.99 9.49
CA ILE A 180 5.07 12.45 9.38
C ILE A 180 5.18 11.30 10.39
N ARG A 181 4.55 11.47 11.54
CA ARG A 181 4.58 10.45 12.60
C ARG A 181 4.01 9.11 12.12
N SER A 182 2.89 9.16 11.40
CA SER A 182 2.24 7.95 10.89
C SER A 182 2.75 7.44 9.54
N CYS A 183 3.06 8.37 8.63
CA CYS A 183 3.51 7.98 7.30
C CYS A 183 4.99 7.60 7.19
N PHE A 184 5.86 8.28 7.93
CA PHE A 184 7.29 7.98 7.89
C PHE A 184 7.79 7.88 9.33
N PRO A 185 7.31 6.86 10.06
CA PRO A 185 7.69 6.60 11.46
C PRO A 185 9.18 6.71 11.74
N SER A 186 9.98 6.13 10.85
CA SER A 186 11.43 6.15 11.01
C SER A 186 12.03 7.55 11.02
N LEU A 187 11.55 8.41 10.14
CA LEU A 187 12.06 9.77 10.08
C LEU A 187 11.63 10.55 11.32
N PHE A 188 10.41 10.30 11.78
CA PHE A 188 9.90 10.98 12.95
C PHE A 188 10.67 10.58 14.20
N GLN A 189 10.82 9.28 14.41
CA GLN A 189 11.55 8.78 15.57
C GLN A 189 13.00 9.22 15.56
N ALA A 190 13.61 9.25 14.37
CA ALA A 190 14.99 9.66 14.24
C ALA A 190 15.16 11.07 14.80
N GLU A 191 14.25 11.97 14.41
CA GLU A 191 14.28 13.35 14.85
C GLU A 191 14.01 13.49 16.35
N GLN A 192 12.98 12.80 16.82
CA GLN A 192 12.61 12.86 18.23
C GLN A 192 13.68 12.28 19.15
N THR A 193 14.16 11.10 18.82
CA THR A 193 15.16 10.42 19.63
C THR A 193 16.55 11.01 19.53
N HIS A 194 17.17 10.89 18.37
CA HIS A 194 18.51 11.39 18.23
C HIS A 194 18.60 12.93 18.06
N ARG A 195 17.49 13.55 17.67
CA ARG A 195 17.37 14.99 17.45
C ARG A 195 17.76 15.34 16.04
N SER A 196 18.10 14.32 15.27
CA SER A 196 18.48 14.52 13.88
C SER A 196 18.14 13.32 13.01
N ILE A 197 17.51 13.58 11.87
CA ILE A 197 17.11 12.54 10.93
C ILE A 197 18.31 11.69 10.53
N LEU A 198 19.26 12.32 9.82
CA LEU A 198 20.45 11.62 9.37
C LEU A 198 21.23 11.01 10.54
N LEU A 199 21.52 11.83 11.53
CA LEU A 199 22.27 11.36 12.70
C LEU A 199 21.56 10.17 13.34
N GLY A 200 20.23 10.22 13.35
CA GLY A 200 19.45 9.14 13.93
C GLY A 200 19.44 7.87 13.09
N LEU A 201 19.39 8.04 11.77
CA LEU A 201 19.37 6.90 10.86
C LEU A 201 20.72 6.20 10.80
N LEU A 202 21.78 6.92 11.18
CA LEU A 202 23.12 6.36 11.17
C LEU A 202 23.40 5.55 12.43
N LEU A 203 22.73 5.91 13.52
CA LEU A 203 22.90 5.22 14.79
C LEU A 203 22.10 3.93 14.82
N GLY A 204 21.02 3.89 14.04
CA GLY A 204 20.17 2.71 13.99
C GLY A 204 19.64 2.32 15.36
N GLN A 210 13.30 -10.47 11.81
CA GLN A 210 14.13 -10.87 10.68
C GLN A 210 14.21 -12.40 10.58
N PRO A 211 13.12 -13.05 10.13
CA PRO A 211 13.12 -14.51 9.99
C PRO A 211 14.19 -14.98 9.02
N ASP A 212 14.22 -16.29 8.76
CA ASP A 212 15.21 -16.84 7.84
C ASP A 212 14.63 -17.95 6.98
N SER A 213 15.04 -17.96 5.71
CA SER A 213 14.58 -18.96 4.74
C SER A 213 15.48 -18.84 3.52
N ALA A 214 15.35 -19.80 2.61
CA ALA A 214 16.16 -19.79 1.39
C ALA A 214 15.91 -18.52 0.57
N LEU A 215 14.64 -18.15 0.40
CA LEU A 215 14.29 -16.95 -0.37
C LEU A 215 14.90 -15.70 0.23
N ILE A 216 14.85 -15.60 1.56
CA ILE A 216 15.41 -14.44 2.26
C ILE A 216 16.91 -14.35 2.03
N ARG A 217 17.59 -15.50 2.11
CA ARG A 217 19.04 -15.53 1.89
C ARG A 217 19.39 -15.13 0.46
N GLN A 218 18.61 -15.62 -0.49
CA GLN A 218 18.87 -15.30 -1.89
C GLN A 218 18.61 -13.81 -2.14
N ALA A 219 17.55 -13.28 -1.52
CA ALA A 219 17.20 -11.87 -1.67
C ALA A 219 18.36 -10.99 -1.22
N LEU A 220 19.01 -11.36 -0.12
CA LEU A 220 20.14 -10.57 0.38
C LEU A 220 21.37 -10.75 -0.49
N ALA A 221 21.71 -11.99 -0.82
CA ALA A 221 22.87 -12.29 -1.63
C ALA A 221 22.81 -11.64 -3.00
N GLU A 222 21.61 -11.56 -3.58
CA GLU A 222 21.46 -10.98 -4.91
C GLU A 222 20.99 -9.53 -4.87
N ARG A 223 20.86 -8.99 -3.66
CA ARG A 223 20.43 -7.60 -3.46
C ARG A 223 19.15 -7.26 -4.22
N TRP A 224 18.08 -8.02 -3.97
CA TRP A 224 16.82 -7.73 -4.63
C TRP A 224 16.27 -6.39 -4.16
N SER A 225 15.74 -5.60 -5.09
CA SER A 225 15.13 -4.33 -4.72
C SER A 225 13.64 -4.60 -4.51
N GLN A 226 13.11 -5.54 -5.30
CA GLN A 226 11.71 -5.95 -5.21
C GLN A 226 11.52 -7.31 -5.89
N TRP A 227 10.33 -7.87 -5.73
CA TRP A 227 10.00 -9.14 -6.36
C TRP A 227 8.49 -9.21 -6.61
N SER A 228 8.10 -10.03 -7.58
CA SER A 228 6.69 -10.25 -7.86
C SER A 228 6.54 -11.73 -8.20
N LEU A 229 5.40 -12.10 -8.77
CA LEU A 229 5.16 -13.51 -9.12
C LEU A 229 4.85 -13.59 -10.61
N ARG A 230 5.36 -14.64 -11.25
CA ARG A 230 5.21 -14.84 -12.69
C ARG A 230 3.84 -14.57 -13.28
N GLY A 231 2.81 -15.20 -12.74
CA GLY A 231 1.47 -14.97 -13.27
C GLY A 231 0.77 -13.78 -12.67
N GLY A 232 1.53 -12.90 -12.03
CA GLY A 232 0.96 -11.71 -11.42
C GLY A 232 0.92 -11.81 -9.90
N LEU A 233 1.04 -10.67 -9.22
CA LEU A 233 1.02 -10.66 -7.75
C LEU A 233 -0.24 -11.30 -7.16
N GLU A 234 -1.31 -11.36 -7.93
CA GLU A 234 -2.55 -11.95 -7.44
C GLU A 234 -2.35 -13.41 -7.06
N MET A 235 -1.26 -14.00 -7.56
CA MET A 235 -0.97 -15.40 -7.22
C MET A 235 -0.79 -15.55 -5.71
N LEU A 236 -0.45 -14.45 -5.04
CA LEU A 236 -0.26 -14.51 -3.59
C LEU A 236 -1.60 -14.71 -2.87
N PRO A 237 -2.59 -13.80 -3.07
CA PRO A 237 -3.86 -14.05 -2.39
C PRO A 237 -4.54 -15.33 -2.86
N GLN A 238 -4.27 -15.72 -4.10
CA GLN A 238 -4.84 -16.93 -4.67
C GLN A 238 -4.32 -18.14 -3.90
N ALA A 239 -3.02 -18.15 -3.62
CA ALA A 239 -2.41 -19.26 -2.88
C ALA A 239 -2.93 -19.29 -1.45
N LEU A 240 -3.14 -18.13 -0.86
CA LEU A 240 -3.65 -18.05 0.51
C LEU A 240 -5.07 -18.64 0.54
N GLU A 241 -5.90 -18.22 -0.41
CA GLU A 241 -7.27 -18.70 -0.51
C GLU A 241 -7.30 -20.22 -0.63
N THR A 242 -6.48 -20.75 -1.53
CA THR A 242 -6.39 -22.19 -1.74
C THR A 242 -6.06 -22.92 -0.44
N HIS A 243 -5.09 -22.42 0.30
CA HIS A 243 -4.67 -23.01 1.55
C HIS A 243 -5.75 -22.94 2.63
N LEU A 244 -6.55 -21.87 2.60
CA LEU A 244 -7.63 -21.71 3.56
C LEU A 244 -8.71 -22.76 3.31
N THR A 245 -9.16 -22.85 2.06
CA THR A 245 -10.18 -23.82 1.69
C THR A 245 -9.68 -25.22 2.01
N SER A 246 -8.38 -25.41 1.85
CA SER A 246 -7.74 -26.69 2.12
C SER A 246 -7.68 -27.00 3.60
N ARG A 247 -7.64 -25.95 4.43
CA ARG A 247 -7.59 -26.10 5.88
C ARG A 247 -8.99 -26.16 6.48
N GLY A 248 -10.00 -26.17 5.62
CA GLY A 248 -11.37 -26.22 6.10
C GLY A 248 -11.95 -24.89 6.53
N VAL A 249 -11.28 -23.80 6.18
CA VAL A 249 -11.75 -22.47 6.52
C VAL A 249 -12.94 -22.11 5.64
N SER A 250 -13.98 -21.55 6.24
CA SER A 250 -15.17 -21.16 5.48
C SER A 250 -15.02 -19.78 4.86
N VAL A 251 -15.06 -19.73 3.54
CA VAL A 251 -14.95 -18.47 2.82
C VAL A 251 -16.26 -18.10 2.15
N LEU A 252 -16.84 -16.97 2.57
CA LEU A 252 -18.10 -16.52 1.98
C LEU A 252 -17.80 -15.33 1.07
N ARG A 253 -18.21 -15.41 -0.19
CA ARG A 253 -17.99 -14.31 -1.12
C ARG A 253 -19.34 -13.78 -1.61
N GLY A 254 -19.36 -12.52 -2.02
CA GLY A 254 -20.60 -11.92 -2.49
C GLY A 254 -21.57 -11.68 -1.35
N GLN A 255 -21.05 -11.62 -0.13
CA GLN A 255 -21.88 -11.42 1.05
C GLN A 255 -21.36 -10.31 1.95
N PRO A 256 -21.70 -9.06 1.64
CA PRO A 256 -21.24 -7.93 2.45
C PRO A 256 -21.78 -8.01 3.88
N VAL A 257 -20.99 -7.61 4.86
CA VAL A 257 -21.44 -7.61 6.25
C VAL A 257 -22.27 -6.35 6.36
N CYS A 258 -23.45 -6.45 6.97
CA CYS A 258 -24.34 -5.31 7.11
C CYS A 258 -24.40 -4.74 8.51
N GLY A 259 -24.10 -5.56 9.53
CA GLY A 259 -24.15 -5.06 10.88
C GLY A 259 -23.45 -5.93 11.91
N LEU A 260 -23.08 -5.31 13.02
CA LEU A 260 -22.42 -6.01 14.11
C LEU A 260 -23.14 -5.62 15.40
N SER A 261 -23.34 -6.59 16.28
CA SER A 261 -24.00 -6.32 17.56
C SER A 261 -23.66 -7.41 18.58
N LEU A 262 -23.66 -7.02 19.85
CA LEU A 262 -23.34 -7.96 20.92
C LEU A 262 -24.61 -8.56 21.50
N GLN A 263 -24.51 -9.78 22.01
CA GLN A 263 -25.66 -10.46 22.59
C GLN A 263 -25.27 -11.40 23.74
N ALA A 264 -26.08 -12.42 23.97
CA ALA A 264 -25.84 -13.39 25.04
C ALA A 264 -24.39 -13.86 25.18
N GLU A 265 -23.87 -13.77 26.39
CA GLU A 265 -22.51 -14.18 26.70
C GLU A 265 -21.42 -13.49 25.87
N GLY A 266 -21.60 -12.20 25.64
CA GLY A 266 -20.63 -11.42 24.89
C GLY A 266 -20.17 -11.97 23.55
N ARG A 267 -21.09 -12.55 22.79
CA ARG A 267 -20.74 -13.07 21.47
C ARG A 267 -21.24 -12.10 20.42
N TRP A 268 -20.46 -11.92 19.37
CA TRP A 268 -20.83 -11.02 18.29
C TRP A 268 -21.89 -11.63 17.39
N LYS A 269 -22.75 -10.78 16.84
CA LYS A 269 -23.77 -11.21 15.92
C LYS A 269 -23.43 -10.50 14.60
N VAL A 270 -22.82 -11.23 13.69
CA VAL A 270 -22.43 -10.67 12.39
C VAL A 270 -23.58 -10.84 11.42
N SER A 271 -24.27 -9.74 11.11
CA SER A 271 -25.41 -9.77 10.21
C SER A 271 -25.06 -9.53 8.74
N LEU A 272 -25.54 -10.44 7.88
CA LEU A 272 -25.31 -10.32 6.46
C LEU A 272 -26.61 -9.84 5.80
N ARG A 273 -26.67 -9.88 4.48
CA ARG A 273 -27.86 -9.43 3.75
C ARG A 273 -29.11 -10.08 4.35
N ASP A 274 -29.24 -11.38 4.16
CA ASP A 274 -30.38 -12.13 4.68
C ASP A 274 -29.88 -13.38 5.38
N SER A 275 -28.74 -13.26 6.05
CA SER A 275 -28.13 -14.35 6.77
C SER A 275 -27.46 -13.80 8.03
N SER A 276 -27.05 -14.69 8.92
CA SER A 276 -26.40 -14.27 10.16
C SER A 276 -25.37 -15.27 10.67
N LEU A 277 -24.37 -14.77 11.37
CA LEU A 277 -23.30 -15.60 11.93
C LEU A 277 -22.95 -15.12 13.33
N GLU A 278 -22.66 -16.07 14.22
CA GLU A 278 -22.27 -15.72 15.57
C GLU A 278 -20.76 -15.90 15.67
N ALA A 279 -20.11 -14.99 16.37
CA ALA A 279 -18.66 -15.07 16.52
C ALA A 279 -18.24 -14.73 17.94
N ASP A 280 -17.29 -15.51 18.46
CA ASP A 280 -16.76 -15.28 19.79
C ASP A 280 -15.84 -14.08 19.70
N HIS A 281 -15.25 -13.90 18.52
CA HIS A 281 -14.35 -12.78 18.27
C HIS A 281 -14.37 -12.39 16.79
N VAL A 282 -14.25 -11.10 16.52
CA VAL A 282 -14.24 -10.59 15.16
C VAL A 282 -12.95 -9.85 14.83
N ILE A 283 -12.35 -10.17 13.70
CA ILE A 283 -11.15 -9.48 13.24
C ILE A 283 -11.65 -8.66 12.06
N SER A 284 -11.62 -7.34 12.18
CA SER A 284 -12.10 -6.48 11.10
C SER A 284 -10.94 -6.09 10.21
N ALA A 285 -10.96 -6.59 8.97
CA ALA A 285 -9.92 -6.29 8.01
C ALA A 285 -10.48 -5.48 6.83
N ILE A 286 -11.58 -4.78 7.05
CA ILE A 286 -12.19 -3.93 6.03
C ILE A 286 -11.80 -2.48 6.33
N PRO A 287 -12.06 -1.55 5.39
CA PRO A 287 -11.72 -0.15 5.63
C PRO A 287 -12.40 0.40 6.89
N ALA A 288 -11.67 1.22 7.64
CA ALA A 288 -12.20 1.81 8.87
C ALA A 288 -13.54 2.53 8.67
N SER A 289 -13.68 3.27 7.58
CA SER A 289 -14.92 4.00 7.30
C SER A 289 -16.12 3.03 7.18
N VAL A 290 -15.86 1.83 6.69
CA VAL A 290 -16.91 0.83 6.52
C VAL A 290 -17.29 0.18 7.85
N LEU A 291 -16.30 -0.18 8.65
CA LEU A 291 -16.54 -0.79 9.95
C LEU A 291 -17.31 0.21 10.81
N SER A 292 -16.95 1.49 10.67
CA SER A 292 -17.58 2.56 11.43
C SER A 292 -19.11 2.50 11.36
N GLU A 293 -19.63 2.18 10.18
CA GLU A 293 -21.06 2.11 9.96
C GLU A 293 -21.72 0.82 10.43
N LEU A 294 -20.94 -0.25 10.56
CA LEU A 294 -21.46 -1.54 11.01
C LEU A 294 -21.66 -1.60 12.53
N LEU A 295 -20.89 -0.81 13.26
CA LEU A 295 -20.95 -0.79 14.72
C LEU A 295 -22.30 -0.39 15.32
N PRO A 296 -22.67 -1.02 16.45
CA PRO A 296 -23.92 -0.73 17.14
C PRO A 296 -23.87 0.64 17.83
N ALA A 297 -25.03 1.11 18.27
CA ALA A 297 -25.16 2.41 18.92
C ALA A 297 -24.23 2.60 20.13
N GLU A 298 -24.07 1.55 20.93
CA GLU A 298 -23.22 1.64 22.12
C GLU A 298 -21.74 1.84 21.83
N ALA A 299 -21.35 1.67 20.57
CA ALA A 299 -19.95 1.82 20.19
C ALA A 299 -19.74 3.12 19.41
N ALA A 300 -20.63 4.09 19.62
CA ALA A 300 -20.56 5.37 18.93
C ALA A 300 -19.18 6.03 18.98
N PRO A 301 -18.55 6.06 20.17
CA PRO A 301 -17.22 6.69 20.24
C PRO A 301 -16.20 6.01 19.33
N LEU A 302 -16.25 4.68 19.25
CA LEU A 302 -15.34 3.92 18.40
C LEU A 302 -15.66 4.23 16.95
N ALA A 303 -16.95 4.28 16.63
CA ALA A 303 -17.40 4.58 15.28
C ALA A 303 -16.90 5.95 14.84
N ARG A 304 -16.93 6.92 15.74
CA ARG A 304 -16.47 8.26 15.42
C ARG A 304 -14.97 8.31 15.16
N ALA A 305 -14.20 7.53 15.91
CA ALA A 305 -12.75 7.51 15.71
C ALA A 305 -12.44 6.88 14.37
N LEU A 306 -13.15 5.80 14.05
CA LEU A 306 -12.95 5.09 12.78
C LEU A 306 -13.40 5.88 11.56
N SER A 307 -14.50 6.63 11.69
CA SER A 307 -15.00 7.41 10.56
C SER A 307 -14.06 8.55 10.17
N ALA A 308 -13.16 8.93 11.07
CA ALA A 308 -12.20 10.01 10.80
C ALA A 308 -11.06 9.59 9.88
N ILE A 309 -10.99 8.30 9.58
CA ILE A 309 -9.96 7.75 8.70
C ILE A 309 -10.56 7.60 7.31
N THR A 310 -10.10 8.40 6.36
CA THR A 310 -10.61 8.34 4.99
C THR A 310 -9.51 7.95 4.02
N ALA A 311 -9.89 7.60 2.78
CA ALA A 311 -8.93 7.18 1.77
C ALA A 311 -9.11 7.92 0.45
N VAL A 312 -8.02 8.11 -0.28
CA VAL A 312 -8.11 8.79 -1.57
C VAL A 312 -8.30 7.77 -2.67
N SER A 313 -8.81 8.22 -3.81
CA SER A 313 -9.01 7.34 -4.95
C SER A 313 -7.81 7.44 -5.87
N VAL A 314 -7.62 6.42 -6.70
CA VAL A 314 -6.53 6.40 -7.65
C VAL A 314 -7.03 5.75 -8.94
N ALA A 315 -6.74 6.37 -10.07
CA ALA A 315 -7.13 5.80 -11.35
C ALA A 315 -5.88 5.20 -12.00
N VAL A 316 -5.89 3.89 -12.19
CA VAL A 316 -4.77 3.17 -12.79
C VAL A 316 -4.98 2.92 -14.28
N VAL A 317 -4.04 3.40 -15.09
CA VAL A 317 -4.12 3.24 -16.52
C VAL A 317 -2.89 2.48 -17.01
N ASN A 318 -3.12 1.24 -17.46
CA ASN A 318 -2.04 0.41 -17.99
C ASN A 318 -1.97 0.67 -19.48
N LEU A 319 -0.79 1.06 -19.96
CA LEU A 319 -0.62 1.34 -21.38
C LEU A 319 0.47 0.44 -21.96
N GLN A 320 0.21 -0.10 -23.15
CA GLN A 320 1.20 -0.94 -23.81
C GLN A 320 1.45 -0.37 -25.20
N TYR A 321 2.71 -0.37 -25.60
CA TYR A 321 3.13 0.17 -26.89
C TYR A 321 3.96 -0.86 -27.64
N GLN A 322 3.57 -1.15 -28.88
CA GLN A 322 4.31 -2.12 -29.68
C GLN A 322 5.49 -1.43 -30.37
N GLY A 323 6.70 -1.93 -30.09
CA GLY A 323 7.89 -1.39 -30.72
C GLY A 323 8.39 -0.03 -30.25
N ALA A 324 8.02 0.38 -29.04
CA ALA A 324 8.46 1.67 -28.51
C ALA A 324 9.52 1.44 -27.43
N HIS A 325 10.21 2.51 -27.06
CA HIS A 325 11.23 2.42 -26.02
C HIS A 325 11.20 3.67 -25.12
N LEU A 326 11.65 3.51 -23.88
CA LEU A 326 11.67 4.61 -22.94
C LEU A 326 12.91 5.50 -23.11
N PRO A 327 12.82 6.77 -22.71
CA PRO A 327 13.95 7.71 -22.82
C PRO A 327 15.12 7.26 -21.94
N VAL A 328 14.78 6.71 -20.77
CA VAL A 328 15.80 6.24 -19.84
C VAL A 328 15.32 4.96 -19.17
N GLN A 329 16.26 4.20 -18.63
CA GLN A 329 15.91 2.95 -17.96
C GLN A 329 15.87 3.17 -16.46
N GLY A 330 14.80 2.69 -15.83
CA GLY A 330 14.66 2.85 -14.39
C GLY A 330 13.41 2.20 -13.85
N PHE A 331 13.12 2.43 -12.58
CA PHE A 331 11.93 1.87 -11.95
C PHE A 331 10.69 2.58 -12.52
N GLY A 332 10.81 3.90 -12.62
CA GLY A 332 9.73 4.74 -13.12
C GLY A 332 10.03 6.15 -12.67
N HIS A 333 9.03 7.04 -12.71
CA HIS A 333 9.26 8.40 -12.25
C HIS A 333 8.07 8.98 -11.52
N LEU A 334 8.36 9.89 -10.60
CA LEU A 334 7.31 10.54 -9.83
C LEU A 334 7.10 11.93 -10.42
N VAL A 335 5.91 12.47 -10.19
CA VAL A 335 5.56 13.80 -10.69
C VAL A 335 5.11 14.66 -9.50
N PRO A 336 5.89 15.71 -9.18
CA PRO A 336 5.58 16.61 -8.06
C PRO A 336 4.21 17.25 -8.32
N SER A 337 3.48 17.59 -7.26
CA SER A 337 2.17 18.21 -7.45
C SER A 337 2.30 19.55 -8.19
N SER A 338 3.46 20.20 -8.11
CA SER A 338 3.66 21.47 -8.80
C SER A 338 3.77 21.28 -10.32
N GLU A 339 3.98 20.05 -10.76
CA GLU A 339 4.09 19.75 -12.19
C GLU A 339 2.74 19.33 -12.75
N ASP A 340 2.04 18.46 -12.03
CA ASP A 340 0.73 17.98 -12.47
C ASP A 340 0.03 17.29 -11.31
N PRO A 341 -0.97 17.95 -10.71
CA PRO A 341 -1.69 17.35 -9.59
C PRO A 341 -2.30 15.98 -9.92
N GLY A 342 -2.85 15.85 -11.13
CA GLY A 342 -3.48 14.61 -11.54
C GLY A 342 -2.60 13.41 -11.88
N VAL A 343 -1.39 13.65 -12.35
CA VAL A 343 -0.49 12.54 -12.68
C VAL A 343 0.48 12.35 -11.52
N LEU A 344 0.27 11.28 -10.75
CA LEU A 344 1.11 11.00 -9.59
C LEU A 344 2.48 10.46 -10.00
N GLY A 345 2.51 9.63 -11.04
CA GLY A 345 3.75 9.06 -11.51
C GLY A 345 3.49 7.96 -12.51
N ILE A 346 4.56 7.41 -13.06
CA ILE A 346 4.49 6.34 -14.03
C ILE A 346 5.51 5.24 -13.70
N VAL A 347 5.05 4.00 -13.67
CA VAL A 347 5.93 2.88 -13.38
C VAL A 347 6.33 2.21 -14.69
N TYR A 348 7.61 1.92 -14.85
CA TYR A 348 8.11 1.27 -16.06
C TYR A 348 8.06 -0.25 -15.82
N ASP A 349 6.87 -0.84 -15.93
CA ASP A 349 6.71 -2.27 -15.69
C ASP A 349 7.66 -3.17 -16.47
N SER A 350 7.84 -2.89 -17.76
CA SER A 350 8.71 -3.72 -18.60
C SER A 350 10.18 -3.72 -18.21
N VAL A 351 10.64 -2.64 -17.58
CA VAL A 351 12.04 -2.57 -17.15
C VAL A 351 12.28 -3.57 -16.01
N ALA A 352 11.33 -3.61 -15.07
CA ALA A 352 11.45 -4.51 -13.93
C ALA A 352 11.13 -5.97 -14.26
N PHE A 353 10.04 -6.18 -15.00
CA PHE A 353 9.62 -7.53 -15.32
C PHE A 353 9.37 -7.79 -16.82
N PRO A 354 10.45 -7.89 -17.60
CA PRO A 354 10.34 -8.14 -19.04
C PRO A 354 9.59 -9.43 -19.36
N GLU A 355 9.66 -10.41 -18.45
CA GLU A 355 8.98 -11.68 -18.71
C GLU A 355 7.46 -11.59 -18.76
N GLN A 356 6.90 -10.48 -18.31
CA GLN A 356 5.44 -10.33 -18.35
C GLN A 356 4.95 -9.44 -19.49
N ASP A 357 5.81 -9.18 -20.48
CA ASP A 357 5.43 -8.35 -21.62
C ASP A 357 4.54 -9.03 -22.65
N GLY A 358 4.37 -10.34 -22.53
CA GLY A 358 3.55 -11.06 -23.48
C GLY A 358 4.30 -11.35 -24.76
N SER A 359 3.60 -11.88 -25.76
CA SER A 359 4.22 -12.21 -27.04
C SER A 359 3.23 -12.02 -28.19
N PRO A 360 3.58 -11.15 -29.15
CA PRO A 360 4.83 -10.36 -29.22
C PRO A 360 5.00 -9.45 -27.99
N PRO A 361 6.23 -9.32 -27.48
CA PRO A 361 6.47 -8.46 -26.32
C PRO A 361 6.18 -7.01 -26.66
N GLY A 362 5.72 -6.25 -25.67
CA GLY A 362 5.43 -4.85 -25.90
C GLY A 362 5.73 -4.02 -24.66
N LEU A 363 6.26 -2.82 -24.86
CA LEU A 363 6.58 -1.92 -23.76
C LEU A 363 5.35 -1.65 -22.91
N ARG A 364 5.48 -1.85 -21.60
CA ARG A 364 4.38 -1.60 -20.68
C ARG A 364 4.75 -0.57 -19.61
N VAL A 365 3.84 0.37 -19.37
CA VAL A 365 4.02 1.37 -18.33
C VAL A 365 2.66 1.48 -17.66
N THR A 366 2.64 1.99 -16.43
CA THR A 366 1.38 2.15 -15.72
C THR A 366 1.35 3.57 -15.18
N VAL A 367 0.33 4.32 -15.59
CA VAL A 367 0.19 5.70 -15.16
C VAL A 367 -0.78 5.75 -13.98
N MET A 368 -0.35 6.35 -12.89
CA MET A 368 -1.20 6.48 -11.70
C MET A 368 -1.76 7.90 -11.65
N LEU A 369 -3.08 8.02 -11.67
CA LEU A 369 -3.76 9.31 -11.64
C LEU A 369 -4.48 9.50 -10.30
N GLY A 370 -4.50 10.73 -9.81
CA GLY A 370 -5.16 11.01 -8.55
C GLY A 370 -5.06 12.47 -8.17
N GLY A 371 -4.56 12.72 -6.95
CA GLY A 371 -4.38 14.09 -6.49
C GLY A 371 -5.63 14.96 -6.44
N SER A 372 -5.41 16.27 -6.40
CA SER A 372 -6.51 17.23 -6.34
C SER A 372 -7.34 17.16 -7.62
N TRP A 373 -6.70 16.78 -8.72
CA TRP A 373 -7.39 16.69 -10.00
C TRP A 373 -8.56 15.72 -9.89
N LEU A 374 -8.28 14.51 -9.41
CA LEU A 374 -9.32 13.51 -9.28
C LEU A 374 -10.30 13.87 -8.17
N GLN A 375 -9.77 14.36 -7.06
CA GLN A 375 -10.59 14.73 -5.91
C GLN A 375 -11.61 15.80 -6.27
N THR A 376 -11.16 16.86 -6.95
CA THR A 376 -12.06 17.95 -7.33
C THR A 376 -13.13 17.45 -8.31
N LEU A 377 -12.76 16.50 -9.17
CA LEU A 377 -13.72 15.96 -10.14
C LEU A 377 -14.75 15.07 -9.43
N GLU A 378 -14.28 14.30 -8.45
CA GLU A 378 -15.18 13.42 -7.69
C GLU A 378 -16.16 14.28 -6.92
N ALA A 379 -15.68 15.41 -6.41
CA ALA A 379 -16.51 16.34 -5.65
C ALA A 379 -17.42 17.14 -6.58
N SER A 380 -17.06 17.18 -7.86
CA SER A 380 -17.84 17.90 -8.84
C SER A 380 -18.84 16.98 -9.54
N GLY A 381 -19.65 17.55 -10.42
CA GLY A 381 -20.65 16.77 -11.13
C GLY A 381 -20.08 16.10 -12.37
N CYS A 382 -18.79 16.34 -12.63
CA CYS A 382 -18.12 15.75 -13.79
C CYS A 382 -18.17 14.24 -13.77
N VAL A 383 -18.58 13.65 -14.89
CA VAL A 383 -18.65 12.21 -15.02
C VAL A 383 -17.25 11.62 -15.22
N LEU A 384 -16.79 10.85 -14.25
CA LEU A 384 -15.47 10.24 -14.32
C LEU A 384 -15.48 9.08 -15.31
N SER A 385 -15.41 9.42 -16.59
CA SER A 385 -15.42 8.44 -17.66
C SER A 385 -14.07 7.77 -17.86
N GLN A 386 -14.08 6.61 -18.49
CA GLN A 386 -12.87 5.87 -18.78
C GLN A 386 -12.07 6.68 -19.81
N GLU A 387 -12.78 7.38 -20.69
CA GLU A 387 -12.14 8.19 -21.73
C GLU A 387 -11.24 9.26 -21.11
N LEU A 388 -11.76 9.94 -20.09
CA LEU A 388 -11.00 10.99 -19.40
C LEU A 388 -9.67 10.48 -18.84
N PHE A 389 -9.70 9.34 -18.17
CA PHE A 389 -8.47 8.79 -17.59
C PHE A 389 -7.50 8.32 -18.66
N GLN A 390 -8.03 7.64 -19.68
CA GLN A 390 -7.16 7.15 -20.76
C GLN A 390 -6.46 8.32 -21.45
N GLN A 391 -7.20 9.40 -21.69
CA GLN A 391 -6.66 10.59 -22.33
C GLN A 391 -5.57 11.25 -21.50
N ARG A 392 -5.82 11.44 -20.22
CA ARG A 392 -4.83 12.09 -19.38
C ARG A 392 -3.56 11.24 -19.26
N ALA A 393 -3.75 9.92 -19.14
CA ALA A 393 -2.60 9.03 -19.03
C ALA A 393 -1.78 9.03 -20.33
N GLN A 394 -2.47 8.94 -21.48
CA GLN A 394 -1.76 8.93 -22.76
C GLN A 394 -0.99 10.23 -22.95
N GLU A 395 -1.62 11.35 -22.61
CA GLU A 395 -0.96 12.64 -22.75
C GLU A 395 0.25 12.73 -21.82
N ALA A 396 0.13 12.15 -20.63
CA ALA A 396 1.25 12.18 -19.68
C ALA A 396 2.42 11.39 -20.24
N ALA A 397 2.12 10.21 -20.79
CA ALA A 397 3.16 9.36 -21.37
C ALA A 397 3.81 10.05 -22.57
N ALA A 398 3.01 10.74 -23.37
CA ALA A 398 3.51 11.45 -24.54
C ALA A 398 4.47 12.57 -24.13
N THR A 399 4.02 13.41 -23.21
CA THR A 399 4.82 14.55 -22.76
C THR A 399 6.02 14.17 -21.88
N GLN A 400 5.80 13.30 -20.92
CA GLN A 400 6.85 12.90 -19.99
C GLN A 400 7.83 11.82 -20.46
N LEU A 401 7.38 10.95 -21.37
CA LEU A 401 8.24 9.88 -21.87
C LEU A 401 8.53 9.90 -23.37
N GLY A 402 8.02 10.92 -24.05
CA GLY A 402 8.24 11.01 -25.49
C GLY A 402 7.53 9.92 -26.27
N LEU A 403 6.51 9.32 -25.67
CA LEU A 403 5.76 8.27 -26.33
C LEU A 403 4.52 8.86 -27.00
N LYS A 404 4.71 9.45 -28.18
CA LYS A 404 3.60 10.06 -28.92
C LYS A 404 2.81 9.03 -29.71
N GLU A 405 3.33 7.81 -29.82
CA GLU A 405 2.63 6.74 -30.54
C GLU A 405 1.35 6.40 -29.77
N MET A 406 0.37 5.88 -30.50
CA MET A 406 -0.89 5.47 -29.88
C MET A 406 -0.67 4.15 -29.17
N PRO A 407 -1.15 4.01 -27.92
CA PRO A 407 -0.96 2.74 -27.21
C PRO A 407 -1.68 1.62 -27.97
N SER A 408 -1.10 0.43 -27.99
CA SER A 408 -1.72 -0.70 -28.68
C SER A 408 -2.72 -1.44 -27.79
N HIS A 409 -2.64 -1.16 -26.48
CA HIS A 409 -3.52 -1.79 -25.52
C HIS A 409 -3.66 -0.83 -24.33
N CYS A 410 -4.86 -0.74 -23.78
CA CYS A 410 -5.10 0.16 -22.65
C CYS A 410 -6.11 -0.41 -21.67
N LEU A 411 -5.82 -0.27 -20.39
CA LEU A 411 -6.73 -0.72 -19.33
C LEU A 411 -6.90 0.45 -18.38
N VAL A 412 -8.13 0.72 -17.99
CA VAL A 412 -8.44 1.82 -17.09
C VAL A 412 -9.28 1.31 -15.93
N HIS A 413 -8.86 1.59 -14.70
CA HIS A 413 -9.60 1.19 -13.51
C HIS A 413 -9.57 2.30 -12.47
N LEU A 414 -10.74 2.80 -12.11
CA LEU A 414 -10.83 3.84 -11.09
C LEU A 414 -11.03 3.11 -9.77
N HIS A 415 -10.04 3.18 -8.89
CA HIS A 415 -10.11 2.54 -7.58
C HIS A 415 -10.58 3.56 -6.56
N LYS A 416 -11.83 3.42 -6.11
CA LYS A 416 -12.41 4.34 -5.15
C LYS A 416 -11.91 4.13 -3.72
N ASN A 417 -11.52 5.21 -3.08
CA ASN A 417 -11.06 5.18 -1.69
C ASN A 417 -10.18 3.95 -1.46
N CYS A 418 -9.09 3.85 -2.21
CA CYS A 418 -8.19 2.71 -2.13
C CYS A 418 -6.95 2.88 -1.24
N ILE A 419 -6.55 4.12 -0.96
CA ILE A 419 -5.37 4.30 -0.09
C ILE A 419 -5.67 5.18 1.13
N PRO A 420 -5.75 4.55 2.30
CA PRO A 420 -6.03 5.32 3.53
C PRO A 420 -5.03 6.46 3.69
N GLN A 421 -5.52 7.60 4.15
CA GLN A 421 -4.67 8.77 4.37
C GLN A 421 -4.45 8.96 5.87
N TYR A 422 -3.19 8.89 6.30
CA TYR A 422 -2.88 9.09 7.71
C TYR A 422 -2.59 10.58 7.87
N THR A 423 -3.61 11.35 8.21
CA THR A 423 -3.47 12.79 8.37
C THR A 423 -3.04 13.15 9.78
N LEU A 424 -2.90 14.44 10.06
CA LEU A 424 -2.50 14.89 11.39
C LEU A 424 -3.46 14.33 12.44
N GLY A 425 -2.91 13.80 13.51
CA GLY A 425 -3.74 13.24 14.56
C GLY A 425 -4.18 11.81 14.34
N HIS A 426 -3.67 11.18 13.27
CA HIS A 426 -4.03 9.80 12.97
C HIS A 426 -3.71 8.91 14.17
N TRP A 427 -2.57 9.17 14.80
CA TRP A 427 -2.13 8.40 15.95
C TRP A 427 -3.17 8.42 17.10
N GLN A 428 -3.85 9.54 17.27
CA GLN A 428 -4.84 9.67 18.34
C GLN A 428 -6.17 9.02 17.97
N LYS A 429 -6.43 8.87 16.67
CA LYS A 429 -7.64 8.20 16.21
C LYS A 429 -7.44 6.72 16.57
N LEU A 430 -6.23 6.23 16.33
CA LEU A 430 -5.89 4.84 16.63
C LEU A 430 -5.88 4.62 18.13
N GLU A 431 -5.31 5.56 18.87
CA GLU A 431 -5.26 5.44 20.32
C GLU A 431 -6.68 5.38 20.89
N SER A 432 -7.54 6.28 20.44
CA SER A 432 -8.93 6.33 20.92
C SER A 432 -9.67 5.03 20.67
N ALA A 433 -9.53 4.50 19.45
CA ALA A 433 -10.19 3.25 19.09
C ALA A 433 -9.68 2.12 19.99
N ARG A 434 -8.36 2.04 20.14
CA ARG A 434 -7.72 1.01 20.95
C ARG A 434 -8.16 1.05 22.41
N GLN A 435 -8.25 2.24 22.99
CA GLN A 435 -8.66 2.37 24.38
C GLN A 435 -10.14 2.06 24.58
N PHE A 436 -10.96 2.36 23.58
CA PHE A 436 -12.39 2.07 23.68
C PHE A 436 -12.59 0.57 23.64
N LEU A 437 -11.88 -0.09 22.72
CA LEU A 437 -11.98 -1.54 22.59
C LEU A 437 -11.61 -2.24 23.89
N THR A 438 -10.45 -1.89 24.46
CA THR A 438 -10.01 -2.52 25.70
C THR A 438 -10.84 -2.10 26.91
N ALA A 439 -11.15 -0.82 27.03
CA ALA A 439 -11.95 -0.32 28.15
C ALA A 439 -13.32 -0.99 28.23
N HIS A 440 -13.90 -1.32 27.08
CA HIS A 440 -15.21 -1.96 27.05
C HIS A 440 -15.09 -3.46 26.82
N ARG A 441 -13.85 -3.94 26.75
CA ARG A 441 -13.57 -5.35 26.55
C ARG A 441 -14.32 -5.94 25.35
N LEU A 442 -14.40 -5.19 24.26
CA LEU A 442 -15.09 -5.69 23.07
C LEU A 442 -14.24 -6.73 22.33
N PRO A 443 -14.84 -7.88 22.00
CA PRO A 443 -14.19 -8.99 21.30
C PRO A 443 -13.96 -8.64 19.82
N LEU A 444 -13.30 -7.52 19.57
CA LEU A 444 -13.05 -7.05 18.21
C LEU A 444 -11.59 -6.59 18.04
N THR A 445 -10.94 -7.04 16.96
CA THR A 445 -9.57 -6.66 16.68
C THR A 445 -9.47 -6.00 15.31
N LEU A 446 -8.68 -4.95 15.21
CA LEU A 446 -8.52 -4.20 13.96
C LEU A 446 -7.28 -4.58 13.15
N ALA A 447 -7.43 -4.63 11.84
CA ALA A 447 -6.32 -4.96 10.95
C ALA A 447 -6.49 -4.33 9.59
N GLY A 448 -5.40 -4.22 8.84
CA GLY A 448 -5.48 -3.65 7.50
C GLY A 448 -4.86 -2.29 7.29
N ALA A 449 -4.85 -1.88 6.03
CA ALA A 449 -4.26 -0.60 5.61
C ALA A 449 -4.77 0.68 6.26
N SER A 450 -5.95 0.63 6.88
CA SER A 450 -6.49 1.84 7.50
C SER A 450 -5.77 2.23 8.78
N TYR A 451 -4.98 1.33 9.34
CA TYR A 451 -4.35 1.60 10.62
C TYR A 451 -2.84 1.77 10.74
N GLU A 452 -2.09 0.68 10.71
CA GLU A 452 -0.64 0.73 10.91
C GLU A 452 0.28 0.65 9.69
N GLY A 453 -0.20 1.04 8.52
CA GLY A 453 0.63 0.98 7.34
C GLY A 453 -0.15 0.51 6.14
N VAL A 454 0.10 1.10 4.97
CA VAL A 454 -0.62 0.72 3.76
C VAL A 454 0.08 -0.31 2.87
N ALA A 455 1.38 -0.47 3.04
CA ALA A 455 2.14 -1.42 2.22
C ALA A 455 1.66 -2.85 2.42
N VAL A 456 1.74 -3.67 1.38
CA VAL A 456 1.33 -5.06 1.49
C VAL A 456 2.07 -5.75 2.65
N ASN A 457 3.37 -5.47 2.79
CA ASN A 457 4.14 -6.08 3.90
C ASN A 457 3.49 -5.73 5.24
N ASP A 458 3.06 -4.47 5.39
CA ASP A 458 2.42 -4.02 6.62
C ASP A 458 1.07 -4.69 6.84
N CYS A 459 0.29 -4.79 5.77
CA CYS A 459 -1.04 -5.39 5.86
C CYS A 459 -0.98 -6.86 6.27
N ILE A 460 -0.01 -7.57 5.70
CA ILE A 460 0.16 -8.98 6.03
C ILE A 460 0.52 -9.07 7.51
N GLU A 461 1.46 -8.24 7.94
CA GLU A 461 1.87 -8.25 9.34
C GLU A 461 0.71 -7.86 10.27
N SER A 462 -0.15 -6.94 9.86
CA SER A 462 -1.27 -6.57 10.73
C SER A 462 -2.24 -7.74 10.84
N GLY A 463 -2.34 -8.55 9.78
CA GLY A 463 -3.21 -9.70 9.82
C GLY A 463 -2.63 -10.75 10.76
N ARG A 464 -1.32 -10.97 10.68
CA ARG A 464 -0.65 -11.94 11.54
C ARG A 464 -0.77 -11.53 13.00
N GLN A 465 -0.58 -10.24 13.28
CA GLN A 465 -0.67 -9.75 14.65
C GLN A 465 -2.08 -9.92 15.21
N ALA A 466 -3.09 -9.73 14.36
CA ALA A 466 -4.48 -9.89 14.82
C ALA A 466 -4.72 -11.35 15.18
N ALA A 467 -4.18 -12.25 14.36
CA ALA A 467 -4.34 -13.68 14.59
C ALA A 467 -3.69 -14.06 15.91
N VAL A 468 -2.48 -13.57 16.15
CA VAL A 468 -1.75 -13.87 17.38
C VAL A 468 -2.52 -13.40 18.63
N SER A 469 -3.00 -12.16 18.61
CA SER A 469 -3.73 -11.63 19.75
C SER A 469 -5.03 -12.40 20.00
N VAL A 470 -5.70 -12.82 18.93
CA VAL A 470 -6.96 -13.55 19.07
C VAL A 470 -6.75 -14.98 19.56
N LEU A 471 -5.66 -15.62 19.12
CA LEU A 471 -5.36 -17.00 19.53
C LEU A 471 -4.94 -17.03 21.01
N GLY A 472 -4.24 -15.99 21.45
CA GLY A 472 -3.81 -15.92 22.83
C GLY A 472 -4.99 -15.96 23.77
N THR A 473 -6.10 -15.36 23.35
CA THR A 473 -7.33 -15.34 24.15
C THR A 473 -8.21 -16.55 23.78
N GLU A 474 -8.72 -17.23 24.80
CA GLU A 474 -9.56 -18.39 24.60
C GLU A 474 -10.23 -18.81 25.90
O3 ACJ B . 7.83 5.60 -4.93
C11 ACJ B . 7.49 4.69 -5.72
O2 ACJ B . 7.45 3.48 -5.37
C9 ACJ B . 5.76 4.88 -7.48
C14 ACJ B . 8.05 5.55 -8.18
C8 ACJ B . 5.30 5.19 -8.76
N1 ACJ B . 9.37 5.74 -7.93
C13 ACJ B . 7.54 5.84 -9.45
O5 ACJ B . 9.92 5.47 -6.69
C12 ACJ B . 6.18 5.67 -9.74
O1 ACJ B . 3.98 5.01 -9.06
C7 ACJ B . 3.04 4.85 -8.06
O4 ACJ B . 10.18 6.22 -8.96
C6 ACJ B . 2.75 3.60 -7.51
C10 ACJ B . 7.09 5.04 -7.13
C4 ACJ B . 2.30 6.05 -7.59
C5 ACJ B . 1.78 3.51 -6.51
C2 ACJ B . 1.08 4.64 -6.06
CL1 ACJ B . 2.69 7.62 -8.32
C3 ACJ B . 1.34 5.91 -6.59
C1 ACJ B . 0.05 4.50 -4.97
F1 ACJ B . -0.05 5.63 -4.30
F2 ACJ B . 0.41 3.53 -4.14
F3 ACJ B . -1.12 4.22 -5.49
PA FAD C . -8.35 -4.12 0.89
O1A FAD C . -7.46 -4.71 -0.17
O2A FAD C . -9.10 -2.95 0.29
O5B FAD C . -9.37 -5.27 1.35
C5B FAD C . -10.51 -4.99 2.13
C4B FAD C . -11.61 -5.93 1.65
O4B FAD C . -12.73 -5.89 2.51
C3B FAD C . -12.09 -5.57 0.25
O3B FAD C . -11.84 -6.64 -0.64
C2B FAD C . -13.58 -5.33 0.40
O2B FAD C . -14.28 -5.92 -0.66
C1B FAD C . -13.90 -6.03 1.72
N9A FAD C . -15.12 -5.54 2.37
C8A FAD C . -15.57 -4.24 2.50
N7A FAD C . -16.74 -4.25 3.16
C5A FAD C . -17.07 -5.53 3.47
C6A FAD C . -18.15 -6.10 4.14
N6A FAD C . -19.06 -5.35 4.72
N1A FAD C . -18.19 -7.47 4.31
C2A FAD C . -17.18 -8.29 3.82
N3A FAD C . -16.12 -7.71 3.15
C4A FAD C . -16.05 -6.36 2.98
N1 FAD C . 1.40 -1.59 -1.53
C2 FAD C . 2.72 -1.98 -1.60
O2 FAD C . 3.28 -2.48 -0.63
N3 FAD C . 3.44 -1.83 -2.76
C4 FAD C . 2.86 -1.27 -3.88
O4 FAD C . 3.32 -1.60 -4.98
C4X FAD C . 1.54 -0.87 -3.81
N5 FAD C . 0.96 -0.30 -4.95
C5X FAD C . -0.36 0.09 -4.93
C6 FAD C . -0.93 0.64 -6.09
C7 FAD C . -2.27 1.03 -6.08
C7M FAD C . -2.94 1.19 -7.42
C8 FAD C . -3.03 0.86 -4.93
C8M FAD C . -4.52 0.65 -5.02
C9 FAD C . -2.44 0.32 -3.78
C9A FAD C . -1.11 -0.08 -3.77
N10 FAD C . -0.53 -0.63 -2.63
C10 FAD C . 0.80 -1.03 -2.65
C1' FAD C . -1.25 -0.50 -1.31
C2' FAD C . -1.74 -1.88 -0.87
O2' FAD C . -1.99 -2.66 -2.02
C3' FAD C . -3.02 -1.79 -0.02
O3' FAD C . -2.86 -0.93 1.08
C4' FAD C . -3.43 -3.17 0.52
O4' FAD C . -3.52 -4.13 -0.51
C5' FAD C . -4.79 -3.04 1.19
O5' FAD C . -5.09 -4.29 1.75
P FAD C . -6.22 -4.40 2.86
O1P FAD C . -6.47 -5.84 3.22
O2P FAD C . -5.80 -3.67 4.11
O3P FAD C . -7.54 -3.70 2.23
C1 GOL D . -8.14 13.01 15.83
O1 GOL D . -6.79 13.48 15.76
C2 GOL D . -8.32 12.13 17.07
O2 GOL D . -8.01 12.88 18.24
C3 GOL D . -9.76 11.62 17.14
O3 GOL D . -9.91 10.78 18.31
C1 GOL E . 0.38 4.92 16.47
O1 GOL E . 0.80 4.21 15.30
C2 GOL E . -0.60 4.05 17.27
O2 GOL E . 0.05 2.82 17.63
C3 GOL E . -1.05 4.79 18.54
O3 GOL E . -1.96 3.98 19.28
#